data_3HYN
#
_entry.id   3HYN
#
_cell.length_a   34.797
_cell.length_b   60.962
_cell.length_c   76.701
_cell.angle_alpha   90.000
_cell.angle_beta   90.000
_cell.angle_gamma   90.000
#
_symmetry.space_group_name_H-M   'P 21 21 21'
#
loop_
_entity.id
_entity.type
_entity.pdbx_description
1 polymer 'Putative signal transduction protein'
2 non-polymer (4R)-2-METHYLPENTANE-2,4-DIOL
3 water water
#
_entity_poly.entity_id   1
_entity_poly.type   'polypeptide(L)'
_entity_poly.pdbx_seq_one_letter_code
;G(MSE)SYQNANYSAFYVSEPFSESNLGANSTHDFVYYN(MSE)LR(MSE)WKGEDNSFPFNDAHDKTYNVRDGSDWEKT
LKPRLHTRLDNSKNIILFLSSITANSRALREE(MSE)NYGIGTKGLPVIVIYPDYDKKSDIVDSNGNFKKQIKDLWDKLP
AFRDN(MSE)SSVATLHIPCTKSVIISALNNEDF(MSE)VNT(MSE)ADAEKYYYKP
;
_entity_poly.pdbx_strand_id   A
#
# COMPACT_ATOMS: atom_id res chain seq x y z
N TYR A 4 -5.25 14.85 -13.65
CA TYR A 4 -5.49 15.33 -12.24
C TYR A 4 -5.77 14.08 -11.39
N GLN A 5 -5.39 14.09 -10.12
CA GLN A 5 -5.66 12.97 -9.20
C GLN A 5 -5.27 11.58 -9.75
N ASN A 6 -4.05 11.55 -10.26
CA ASN A 6 -3.52 10.42 -11.00
C ASN A 6 -2.47 9.63 -10.21
N ALA A 7 -2.22 10.00 -8.95
CA ALA A 7 -1.10 9.36 -8.22
C ALA A 7 -1.45 7.98 -7.73
N ASN A 8 -0.40 7.22 -7.45
CA ASN A 8 -0.51 5.97 -6.73
C ASN A 8 -0.04 6.22 -5.30
N TYR A 9 -0.87 5.86 -4.32
CA TYR A 9 -0.54 6.12 -2.91
C TYR A 9 0.03 4.85 -2.30
N SER A 10 1.31 4.86 -1.94
CA SER A 10 1.94 3.73 -1.28
C SER A 10 1.67 3.75 0.21
N ALA A 11 1.21 2.63 0.73
CA ALA A 11 0.89 2.41 2.11
C ALA A 11 1.62 1.16 2.58
N PHE A 12 2.27 1.25 3.73
CA PHE A 12 3.04 0.13 4.31
C PHE A 12 3.37 0.46 5.74
N TYR A 13 3.84 -0.57 6.46
CA TYR A 13 4.28 -0.42 7.84
C TYR A 13 5.75 -0.13 7.97
N VAL A 14 6.07 0.85 8.82
CA VAL A 14 7.36 0.99 9.47
C VAL A 14 7.13 1.33 10.95
N SER A 15 8.03 0.89 11.82
CA SER A 15 8.01 1.32 13.22
C SER A 15 8.32 2.81 13.26
N GLU A 16 7.55 3.53 14.06
CA GLU A 16 7.57 5.01 14.04
C GLU A 16 8.17 5.59 15.33
N PRO A 17 8.63 6.85 15.27
CA PRO A 17 8.67 7.73 14.10
C PRO A 17 9.75 7.29 13.14
N PHE A 18 9.53 7.57 11.86
CA PHE A 18 10.42 7.15 10.79
C PHE A 18 10.70 8.35 9.87
N SER A 19 11.97 8.63 9.62
CA SER A 19 12.40 9.61 8.64
C SER A 19 13.20 9.00 7.53
N GLU A 20 12.82 9.33 6.30
N GLU A 20 12.99 9.50 6.32
CA GLU A 20 13.41 8.70 5.14
CA GLU A 20 13.87 9.14 5.21
C GLU A 20 14.81 9.23 4.86
C GLU A 20 15.31 9.54 5.42
N SER A 21 15.23 10.24 5.62
N SER A 21 15.54 10.83 5.38
CA SER A 21 16.57 10.80 5.43
CA SER A 21 16.86 11.34 5.15
C SER A 21 17.61 10.20 6.36
C SER A 21 17.93 10.70 6.04
N ASN A 22 17.21 9.41 7.35
N ASN A 22 17.48 9.88 6.99
CA ASN A 22 18.21 8.74 8.17
CA ASN A 22 18.42 9.15 7.84
C ASN A 22 18.90 7.64 7.39
C ASN A 22 19.03 7.91 7.16
N LEU A 23 20.20 7.49 7.66
CA LEU A 23 20.96 6.39 7.11
C LEU A 23 20.22 5.07 7.48
N GLY A 24 20.13 4.18 6.53
CA GLY A 24 19.46 2.89 6.77
C GLY A 24 17.96 2.90 6.48
N ALA A 25 17.37 4.06 6.21
CA ALA A 25 15.95 4.12 5.86
C ALA A 25 15.65 3.20 4.73
N ASN A 26 16.49 3.25 3.70
CA ASN A 26 16.24 2.48 2.48
C ASN A 26 16.46 0.99 2.66
N SER A 27 16.95 0.58 3.83
CA SER A 27 17.20 -0.82 4.19
C SER A 27 16.16 -1.32 5.15
N THR A 28 15.17 -0.49 5.53
CA THR A 28 14.27 -0.84 6.62
C THR A 28 12.92 -1.32 6.09
N HIS A 29 12.48 -2.48 6.57
CA HIS A 29 11.21 -3.01 6.18
C HIS A 29 10.07 -2.22 6.87
N ASP A 30 8.98 -1.92 6.15
CA ASP A 30 8.69 -2.23 4.77
C ASP A 30 8.94 -1.05 3.81
N PHE A 31 9.57 0.01 4.28
CA PHE A 31 9.97 1.10 3.43
C PHE A 31 10.81 0.66 2.23
N VAL A 32 11.62 -0.37 2.41
CA VAL A 32 12.45 -0.88 1.32
CA VAL A 32 12.44 -0.91 1.32
C VAL A 32 11.63 -1.17 0.07
N TYR A 33 10.39 -1.64 0.23
CA TYR A 33 9.55 -2.00 -0.92
C TYR A 33 8.95 -0.78 -1.61
N TYR A 34 8.60 0.26 -0.85
CA TYR A 34 8.29 1.53 -1.44
C TYR A 34 9.46 2.12 -2.20
N ASN A 35 10.65 2.06 -1.60
CA ASN A 35 11.82 2.61 -2.26
C ASN A 35 12.13 1.84 -3.56
N LEU A 37 9.90 0.73 -5.63
CA LEU A 37 9.08 1.41 -6.65
C LEU A 37 9.70 2.72 -7.10
N ARG A 38 10.17 3.53 -6.15
CA ARG A 38 10.81 4.78 -6.49
C ARG A 38 12.03 4.58 -7.36
N TRP A 40 12.67 1.99 -9.34
CA TRP A 40 12.26 1.53 -10.67
C TRP A 40 11.80 2.72 -11.51
N LYS A 41 11.04 3.63 -10.94
CA LYS A 41 10.59 4.82 -11.68
C LYS A 41 11.75 5.75 -12.02
N GLY A 42 12.67 5.96 -11.08
CA GLY A 42 13.79 6.82 -11.35
C GLY A 42 14.70 6.32 -12.42
N GLU A 43 14.79 5.00 -12.54
CA GLU A 43 15.64 4.36 -13.53
C GLU A 43 15.00 4.24 -14.91
N ASP A 44 13.67 4.20 -14.96
CA ASP A 44 12.90 3.97 -16.18
C ASP A 44 11.59 4.72 -16.10
N ASN A 45 11.53 5.80 -16.86
CA ASN A 45 10.39 6.67 -16.78
C ASN A 45 9.12 6.01 -17.33
N SER A 46 9.20 4.86 -18.01
CA SER A 46 8.01 4.15 -18.45
CA SER A 46 8.01 4.12 -18.44
C SER A 46 7.33 3.37 -17.31
N PHE A 47 8.04 3.17 -16.18
CA PHE A 47 7.44 2.45 -15.06
C PHE A 47 6.17 3.15 -14.61
N PRO A 48 5.05 2.43 -14.49
CA PRO A 48 3.73 3.08 -14.30
C PRO A 48 3.46 3.42 -12.82
N PHE A 49 4.27 4.32 -12.27
CA PHE A 49 4.16 4.71 -10.87
C PHE A 49 4.34 6.19 -10.76
N ASN A 50 3.35 6.86 -10.22
CA ASN A 50 3.41 8.28 -9.98
C ASN A 50 3.20 8.52 -8.50
N ASP A 51 4.29 8.78 -7.81
CA ASP A 51 4.30 8.70 -6.38
C ASP A 51 3.49 9.84 -5.72
N ALA A 52 2.46 9.50 -4.99
CA ALA A 52 1.70 10.50 -4.22
C ALA A 52 2.58 11.22 -3.22
N HIS A 53 3.67 10.58 -2.77
CA HIS A 53 4.60 11.13 -1.75
C HIS A 53 5.87 11.71 -2.42
N ASP A 54 5.79 12.08 -3.67
CA ASP A 54 7.04 12.44 -4.42
C ASP A 54 7.91 13.54 -3.76
N LYS A 55 7.28 14.54 -3.15
CA LYS A 55 8.05 15.63 -2.57
C LYS A 55 8.87 15.23 -1.35
N THR A 56 8.34 14.30 -0.55
CA THR A 56 9.01 13.76 0.64
C THR A 56 8.11 12.66 1.25
N TYR A 57 8.70 11.54 1.66
CA TYR A 57 7.93 10.53 2.42
C TYR A 57 7.97 10.93 3.89
N ASN A 58 6.98 11.69 4.30
CA ASN A 58 6.92 12.27 5.63
C ASN A 58 5.62 11.96 6.34
N VAL A 59 5.01 10.83 6.00
CA VAL A 59 3.76 10.42 6.58
C VAL A 59 3.89 9.41 7.73
N ARG A 60 5.12 9.29 8.25
CA ARG A 60 5.42 8.43 9.41
C ARG A 60 6.40 9.10 10.38
N ASP A 61 6.72 10.40 10.17
N ASP A 61 6.43 10.44 10.36
CA ASP A 61 7.94 11.02 10.73
CA ASP A 61 7.50 11.21 10.99
C ASP A 61 7.75 11.67 12.09
C ASP A 61 7.23 11.63 12.42
N GLY A 62 6.62 11.44 12.74
N GLY A 62 6.08 11.28 12.99
CA GLY A 62 6.44 12.02 14.07
CA GLY A 62 5.84 11.65 14.36
C GLY A 62 5.57 13.25 14.15
C GLY A 62 5.25 13.04 14.46
N SER A 63 5.11 13.75 13.02
N SER A 63 4.80 13.62 13.35
CA SER A 63 4.33 15.01 13.01
CA SER A 63 4.20 14.95 13.44
C SER A 63 3.01 14.88 13.79
C SER A 63 2.86 14.86 14.16
N ASP A 64 2.55 16.00 14.36
N ASP A 64 2.35 16.02 14.59
CA ASP A 64 1.34 16.04 15.14
CA ASP A 64 1.11 16.05 15.31
C ASP A 64 0.09 15.59 14.37
C ASP A 64 -0.01 15.45 14.49
N TRP A 65 -0.83 14.86 15.04
N TRP A 65 -0.68 14.42 15.02
CA TRP A 65 -1.87 14.06 14.35
CA TRP A 65 -1.75 13.75 14.30
C TRP A 65 -2.95 14.96 13.74
C TRP A 65 -2.76 14.76 13.72
N GLU A 66 -3.79 15.62 14.54
N GLU A 66 -3.18 15.70 14.57
CA GLU A 66 -4.79 16.52 13.95
CA GLU A 66 -4.38 16.47 14.24
C GLU A 66 -4.19 17.73 13.22
C GLU A 66 -4.15 17.64 13.34
N LYS A 67 -3.08 18.31 13.66
CA LYS A 67 -2.65 19.53 12.99
C LYS A 67 -1.91 19.30 11.69
N THR A 68 -1.22 18.16 11.59
CA THR A 68 -0.20 18.03 10.56
C THR A 68 -0.33 16.69 9.85
N LEU A 69 -0.26 15.57 10.56
CA LEU A 69 -0.13 14.27 9.88
C LEU A 69 -1.42 13.82 9.19
N LYS A 70 -2.54 13.81 9.88
CA LYS A 70 -3.78 13.35 9.28
CA LYS A 70 -3.80 13.37 9.30
C LYS A 70 -4.15 14.21 8.05
N PRO A 71 -4.04 15.54 8.13
CA PRO A 71 -4.30 16.33 6.90
C PRO A 71 -3.36 15.98 5.74
N ARG A 72 -2.11 15.63 6.03
CA ARG A 72 -1.22 15.25 4.99
CA ARG A 72 -1.12 15.20 5.00
C ARG A 72 -1.64 13.94 4.34
N LEU A 73 -2.06 12.97 5.14
CA LEU A 73 -2.57 11.70 4.59
C LEU A 73 -3.74 11.96 3.69
N HIS A 74 -4.70 12.74 4.15
CA HIS A 74 -5.91 12.99 3.36
C HIS A 74 -5.61 13.73 2.07
N THR A 75 -4.74 14.73 2.14
CA THR A 75 -4.43 15.51 0.96
C THR A 75 -3.79 14.63 -0.14
N ARG A 76 -2.85 13.77 0.26
CA ARG A 76 -2.16 12.89 -0.69
C ARG A 76 -3.09 11.82 -1.21
N LEU A 77 -3.95 11.26 -0.36
CA LEU A 77 -4.95 10.31 -0.86
C LEU A 77 -5.91 10.99 -1.83
N ASP A 78 -6.23 12.27 -1.60
CA ASP A 78 -7.13 12.97 -2.51
C ASP A 78 -6.49 13.18 -3.89
N ASN A 79 -5.16 13.13 -3.97
CA ASN A 79 -4.47 13.24 -5.23
CA ASN A 79 -4.43 13.23 -5.24
C ASN A 79 -4.24 11.90 -5.92
N SER A 80 -4.82 10.82 -5.37
CA SER A 80 -4.51 9.46 -5.81
C SER A 80 -5.70 8.74 -6.42
N LYS A 81 -5.40 7.88 -7.39
CA LYS A 81 -6.41 7.02 -8.05
C LYS A 81 -6.47 5.61 -7.47
N ASN A 82 -5.45 5.23 -6.70
CA ASN A 82 -5.41 3.93 -6.05
C ASN A 82 -4.39 3.94 -4.96
N ILE A 83 -4.41 2.87 -4.18
CA ILE A 83 -3.47 2.60 -3.11
C ILE A 83 -2.66 1.38 -3.52
N ILE A 84 -1.35 1.46 -3.29
CA ILE A 84 -0.46 0.30 -3.39
C ILE A 84 -0.13 -0.05 -1.94
N LEU A 85 -0.66 -1.16 -1.46
CA LEU A 85 -0.45 -1.60 -0.09
C LEU A 85 0.53 -2.74 -0.06
N PHE A 86 1.58 -2.62 0.76
CA PHE A 86 2.48 -3.73 1.01
C PHE A 86 2.10 -4.37 2.33
N LEU A 87 1.77 -5.66 2.29
CA LEU A 87 1.49 -6.46 3.50
C LEU A 87 2.53 -7.54 3.62
N SER A 88 3.16 -7.63 4.79
CA SER A 88 4.21 -8.60 5.03
C SER A 88 4.07 -9.14 6.46
N SER A 89 4.92 -10.13 6.76
CA SER A 89 4.91 -10.73 8.07
C SER A 89 5.24 -9.76 9.19
N ILE A 90 5.80 -8.60 8.90
CA ILE A 90 6.15 -7.63 9.94
C ILE A 90 5.16 -6.47 10.00
N THR A 91 4.16 -6.42 9.11
CA THR A 91 3.13 -5.37 9.20
C THR A 91 2.43 -5.37 10.57
N ALA A 92 2.55 -4.27 11.34
N ALA A 92 2.21 -4.14 11.04
CA ALA A 92 2.08 -4.22 12.76
CA ALA A 92 1.49 -3.87 12.24
C ALA A 92 1.27 -2.93 12.97
C ALA A 92 0.56 -2.67 12.08
N ASN A 93 0.90 -2.62 14.22
N ASN A 93 -0.29 -2.50 13.09
CA ASN A 93 -0.01 -1.51 14.50
CA ASN A 93 -1.40 -1.53 13.05
C ASN A 93 0.62 -0.16 14.18
C ASN A 93 -0.99 -0.12 13.50
N SER A 94 -0.16 0.70 13.53
N SER A 94 -0.14 0.52 12.73
CA SER A 94 0.28 2.00 13.13
CA SER A 94 0.24 1.92 12.95
C SER A 94 -0.95 2.86 12.84
C SER A 94 -0.99 2.85 12.80
N ARG A 95 -1.03 3.94 13.58
CA ARG A 95 -2.12 4.90 13.48
C ARG A 95 -2.21 5.46 12.05
N ALA A 96 -1.11 5.91 11.50
CA ALA A 96 -1.14 6.47 10.15
C ALA A 96 -1.57 5.44 9.11
N LEU A 97 -1.04 4.23 9.17
CA LEU A 97 -1.39 3.20 8.21
C LEU A 97 -2.89 2.87 8.31
N ARG A 98 -3.43 2.78 9.54
CA ARG A 98 -4.87 2.58 9.73
CA ARG A 98 -4.85 2.59 9.73
C ARG A 98 -5.69 3.69 9.08
N GLU A 99 -5.28 4.93 9.27
CA GLU A 99 -6.01 6.04 8.69
C GLU A 99 -5.97 6.03 7.17
N GLU A 100 -4.84 5.63 6.59
CA GLU A 100 -4.73 5.50 5.14
C GLU A 100 -5.80 4.54 4.64
N ASN A 102 -8.74 3.62 6.38
CA ASN A 102 -10.07 4.12 6.67
C ASN A 102 -10.46 5.24 5.74
N TYR A 103 -9.60 6.23 5.55
CA TYR A 103 -9.92 7.34 4.66
C TYR A 103 -9.81 6.91 3.19
N GLY A 104 -8.71 6.27 2.83
CA GLY A 104 -8.49 5.93 1.44
C GLY A 104 -9.47 4.93 0.87
N ILE A 105 -9.85 3.94 1.66
CA ILE A 105 -10.82 2.93 1.24
C ILE A 105 -12.21 3.27 1.75
N GLY A 106 -12.36 3.40 3.07
CA GLY A 106 -13.68 3.65 3.66
C GLY A 106 -14.36 4.91 3.23
N THR A 107 -13.63 6.00 3.16
CA THR A 107 -14.21 7.28 2.72
C THR A 107 -14.15 7.39 1.22
N LYS A 108 -12.96 7.32 0.61
CA LYS A 108 -12.82 7.57 -0.81
C LYS A 108 -13.23 6.45 -1.73
N GLY A 109 -13.19 5.22 -1.27
CA GLY A 109 -13.44 4.10 -2.15
C GLY A 109 -12.34 3.85 -3.18
N LEU A 110 -11.09 4.13 -2.82
CA LEU A 110 -9.99 3.84 -3.73
C LEU A 110 -9.75 2.32 -3.80
N PRO A 111 -9.53 1.81 -5.03
CA PRO A 111 -9.11 0.43 -5.18
C PRO A 111 -7.67 0.25 -4.72
N VAL A 112 -7.34 -0.98 -4.40
CA VAL A 112 -6.04 -1.31 -3.78
C VAL A 112 -5.36 -2.43 -4.54
N ILE A 113 -4.09 -2.19 -4.88
CA ILE A 113 -3.18 -3.24 -5.38
C ILE A 113 -2.35 -3.64 -4.15
N VAL A 114 -2.53 -4.88 -3.73
CA VAL A 114 -1.85 -5.41 -2.54
C VAL A 114 -0.71 -6.26 -3.01
N ILE A 115 0.50 -5.81 -2.69
CA ILE A 115 1.73 -6.51 -3.01
C ILE A 115 2.20 -7.23 -1.72
N TYR A 116 2.55 -8.50 -1.86
CA TYR A 116 2.98 -9.33 -0.75
C TYR A 116 4.49 -9.63 -0.92
N PRO A 117 5.37 -8.82 -0.29
CA PRO A 117 6.79 -8.96 -0.55
C PRO A 117 7.44 -10.24 -0.06
N ASP A 118 6.76 -11.00 0.79
CA ASP A 118 7.27 -12.30 1.24
C ASP A 118 7.13 -13.37 0.15
N TYR A 119 6.38 -13.11 -0.92
CA TYR A 119 5.98 -14.14 -1.90
C TYR A 119 6.32 -13.71 -3.31
N ASP A 120 6.76 -14.67 -4.10
CA ASP A 120 7.05 -14.41 -5.50
C ASP A 120 6.31 -15.29 -6.48
N LYS A 121 5.35 -16.09 -6.01
CA LYS A 121 4.57 -16.96 -6.90
C LYS A 121 3.10 -16.66 -6.78
N LYS A 122 2.38 -16.77 -7.91
CA LYS A 122 0.91 -16.68 -7.89
CA LYS A 122 0.93 -16.63 -7.90
C LYS A 122 0.30 -17.70 -6.98
N SER A 123 0.92 -18.90 -6.92
CA SER A 123 0.40 -19.96 -6.07
C SER A 123 0.58 -19.72 -4.57
N ASP A 124 1.31 -18.66 -4.19
CA ASP A 124 1.42 -18.27 -2.79
C ASP A 124 0.18 -17.50 -2.31
N ILE A 125 -0.63 -16.97 -3.23
CA ILE A 125 -1.74 -16.10 -2.88
C ILE A 125 -3.04 -16.88 -2.67
N VAL A 126 -3.36 -17.76 -3.61
CA VAL A 126 -4.61 -18.52 -3.61
C VAL A 126 -4.33 -20.02 -3.77
N ASP A 127 -5.25 -20.85 -3.31
CA ASP A 127 -5.23 -22.31 -3.51
C ASP A 127 -5.83 -22.64 -4.88
N SER A 128 -5.88 -23.93 -5.23
CA SER A 128 -6.34 -24.34 -6.57
CA SER A 128 -6.34 -24.37 -6.55
C SER A 128 -7.85 -24.14 -6.80
N ASN A 129 -8.63 -23.85 -5.74
CA ASN A 129 -10.06 -23.50 -5.88
C ASN A 129 -10.31 -21.98 -5.87
N GLY A 130 -9.23 -21.19 -5.88
CA GLY A 130 -9.34 -19.75 -5.88
C GLY A 130 -9.64 -19.15 -4.52
N ASN A 131 -9.47 -19.91 -3.45
CA ASN A 131 -9.58 -19.32 -2.11
C ASN A 131 -8.26 -18.73 -1.71
N PHE A 132 -8.34 -17.59 -1.07
CA PHE A 132 -7.13 -17.00 -0.51
C PHE A 132 -6.56 -17.91 0.55
N LYS A 133 -5.25 -18.07 0.50
CA LYS A 133 -4.60 -18.92 1.47
C LYS A 133 -4.62 -18.32 2.86
N LYS A 134 -4.59 -19.18 3.88
CA LYS A 134 -4.60 -18.72 5.25
CA LYS A 134 -4.58 -18.74 5.25
C LYS A 134 -3.45 -17.77 5.53
N GLN A 135 -2.29 -18.03 4.91
CA GLN A 135 -1.11 -17.16 5.13
CA GLN A 135 -1.11 -17.17 5.10
C GLN A 135 -1.39 -15.73 4.68
N ILE A 136 -2.23 -15.56 3.68
CA ILE A 136 -2.62 -14.23 3.19
C ILE A 136 -3.70 -13.64 4.11
N LYS A 137 -4.74 -14.41 4.42
CA LYS A 137 -5.79 -13.95 5.30
C LYS A 137 -5.20 -13.49 6.65
N ASP A 138 -4.19 -14.19 7.13
CA ASP A 138 -3.54 -13.84 8.37
C ASP A 138 -2.89 -12.44 8.30
N LEU A 139 -2.38 -12.07 7.13
CA LEU A 139 -1.83 -10.73 6.96
C LEU A 139 -2.93 -9.64 7.01
N TRP A 140 -4.09 -9.94 6.45
CA TRP A 140 -5.21 -9.01 6.55
C TRP A 140 -5.58 -8.72 8.00
N ASP A 141 -5.51 -9.77 8.84
CA ASP A 141 -5.82 -9.61 10.25
C ASP A 141 -4.86 -8.68 10.98
N LYS A 142 -3.67 -8.50 10.43
CA LYS A 142 -2.63 -7.59 10.95
CA LYS A 142 -2.69 -7.58 11.02
C LYS A 142 -2.98 -6.12 10.69
N LEU A 143 -3.92 -5.87 9.77
CA LEU A 143 -4.33 -4.51 9.47
C LEU A 143 -5.85 -4.51 9.35
N PRO A 144 -6.56 -4.53 10.50
CA PRO A 144 -8.02 -4.58 10.48
C PRO A 144 -8.71 -3.53 9.61
N ALA A 145 -8.15 -2.34 9.56
CA ALA A 145 -8.78 -1.29 8.76
C ALA A 145 -8.70 -1.59 7.25
N PHE A 146 -7.72 -2.38 6.83
CA PHE A 146 -7.74 -2.92 5.46
C PHE A 146 -8.79 -4.04 5.35
N ARG A 147 -8.67 -5.06 6.19
CA ARG A 147 -9.58 -6.19 6.15
C ARG A 147 -11.03 -5.78 6.17
N ASP A 148 -11.38 -4.82 6.99
CA ASP A 148 -12.75 -4.49 7.26
C ASP A 148 -13.33 -3.45 6.31
N ASN A 149 -12.49 -2.87 5.47
CA ASN A 149 -12.93 -1.96 4.40
C ASN A 149 -12.79 -2.56 2.98
N SER A 151 -13.95 -4.96 1.34
CA SER A 151 -15.15 -5.44 0.64
C SER A 151 -15.77 -4.38 -0.23
N SER A 152 -15.51 -3.12 0.03
CA SER A 152 -16.23 -2.07 -0.68
CA SER A 152 -16.16 -2.01 -0.64
C SER A 152 -15.54 -1.64 -1.99
N VAL A 153 -14.36 -2.16 -2.27
CA VAL A 153 -13.59 -1.75 -3.46
C VAL A 153 -13.03 -2.98 -4.19
N ALA A 154 -12.59 -2.76 -5.42
CA ALA A 154 -11.80 -3.74 -6.14
C ALA A 154 -10.40 -3.81 -5.52
N THR A 155 -9.95 -5.02 -5.19
CA THR A 155 -8.59 -5.22 -4.73
C THR A 155 -7.91 -6.28 -5.59
N LEU A 156 -6.64 -6.09 -5.84
CA LEU A 156 -5.83 -7.01 -6.64
C LEU A 156 -4.65 -7.46 -5.78
N HIS A 157 -4.52 -8.76 -5.59
CA HIS A 157 -3.60 -9.35 -4.66
C HIS A 157 -2.51 -10.09 -5.41
N ILE A 158 -1.27 -9.63 -5.29
CA ILE A 158 -0.21 -10.09 -6.18
C ILE A 158 1.10 -10.39 -5.46
N PRO A 159 1.89 -11.34 -6.02
CA PRO A 159 3.27 -11.52 -5.58
C PRO A 159 4.14 -10.36 -6.00
N CYS A 160 5.31 -10.28 -5.38
CA CYS A 160 6.21 -9.16 -5.57
C CYS A 160 7.24 -9.44 -6.68
N THR A 161 6.83 -9.20 -7.93
CA THR A 161 7.72 -9.34 -9.08
CA THR A 161 7.63 -9.40 -9.15
C THR A 161 7.44 -8.16 -10.01
N LYS A 162 8.50 -7.59 -10.57
CA LYS A 162 8.40 -6.36 -11.33
C LYS A 162 7.36 -6.46 -12.47
N SER A 163 7.40 -7.52 -13.27
CA SER A 163 6.52 -7.58 -14.43
C SER A 163 5.07 -7.70 -14.02
N VAL A 164 4.81 -8.36 -12.90
CA VAL A 164 3.45 -8.51 -12.37
C VAL A 164 2.96 -7.18 -11.79
N ILE A 165 3.80 -6.47 -11.06
CA ILE A 165 3.49 -5.15 -10.58
C ILE A 165 3.16 -4.19 -11.73
N ILE A 166 3.95 -4.24 -12.81
CA ILE A 166 3.66 -3.41 -13.97
C ILE A 166 2.27 -3.74 -14.55
N SER A 167 1.96 -5.01 -14.71
CA SER A 167 0.67 -5.40 -15.24
CA SER A 167 0.66 -5.39 -15.26
C SER A 167 -0.48 -4.88 -14.38
N ALA A 168 -0.31 -4.94 -13.07
CA ALA A 168 -1.31 -4.44 -12.12
C ALA A 168 -1.50 -2.94 -12.30
N LEU A 169 -0.40 -2.21 -12.36
CA LEU A 169 -0.41 -0.76 -12.42
C LEU A 169 -0.87 -0.23 -13.78
N ASN A 170 -0.91 -1.08 -14.80
CA ASN A 170 -1.41 -0.71 -16.11
C ASN A 170 -2.89 -1.10 -16.32
N ASN A 171 -3.55 -1.62 -15.29
CA ASN A 171 -4.88 -2.14 -15.38
C ASN A 171 -5.89 -1.12 -14.85
N GLU A 172 -6.73 -0.59 -15.75
CA GLU A 172 -7.74 0.39 -15.36
C GLU A 172 -8.73 -0.08 -14.35
N ASP A 173 -8.91 -1.39 -14.24
CA ASP A 173 -9.86 -1.94 -13.29
C ASP A 173 -9.51 -1.58 -11.82
N PHE A 174 -8.25 -1.19 -11.58
CA PHE A 174 -7.77 -0.86 -10.23
C PHE A 174 -7.40 0.61 -10.12
N VAL A 176 -9.56 4.33 -9.53
CA VAL A 176 -10.89 4.66 -9.00
C VAL A 176 -11.90 5.05 -10.07
N ASN A 177 -11.52 5.86 -11.04
CA ASN A 177 -12.51 6.38 -12.02
C ASN A 177 -12.93 5.32 -13.04
N THR A 178 -12.25 4.19 -13.07
CA THR A 178 -12.55 3.11 -13.97
C THR A 178 -12.65 1.76 -13.24
N ALA A 180 -13.28 -1.69 -11.44
CA ALA A 180 -14.11 -2.87 -11.60
C ALA A 180 -15.01 -3.06 -10.39
N ASP A 181 -15.94 -4.00 -10.53
CA ASP A 181 -16.81 -4.33 -9.43
C ASP A 181 -15.99 -4.75 -8.20
N ALA A 182 -16.50 -4.40 -7.01
CA ALA A 182 -15.80 -4.72 -5.75
C ALA A 182 -15.75 -6.23 -5.55
N GLU A 183 -14.54 -6.74 -5.44
CA GLU A 183 -14.25 -8.16 -5.24
CA GLU A 183 -14.24 -8.15 -5.31
C GLU A 183 -12.75 -8.21 -5.00
N LYS A 184 -12.29 -9.33 -4.47
CA LYS A 184 -10.85 -9.60 -4.30
C LYS A 184 -10.36 -10.39 -5.48
N TYR A 185 -9.51 -9.81 -6.28
CA TYR A 185 -9.00 -10.42 -7.51
C TYR A 185 -7.55 -10.86 -7.33
N TYR A 186 -7.14 -11.75 -8.23
CA TYR A 186 -5.83 -12.35 -8.20
C TYR A 186 -5.53 -12.92 -9.57
N TYR A 187 -4.25 -13.11 -9.87
CA TYR A 187 -3.85 -13.79 -11.10
C TYR A 187 -3.89 -15.30 -10.85
N LYS A 188 -4.59 -16.05 -11.69
CA LYS A 188 -4.77 -17.48 -11.41
C LYS A 188 -3.44 -18.23 -11.56
N PRO A 189 -3.05 -19.01 -10.55
CA PRO A 189 -1.90 -19.90 -10.75
C PRO A 189 -2.24 -21.11 -11.60
#